data_3WV1
#
_entry.id   3WV1
#
_cell.length_a   134.372
_cell.length_b   36.058
_cell.length_c   95.298
_cell.angle_alpha   90.000
_cell.angle_beta   130.895
_cell.angle_gamma   90.000
#
_symmetry.space_group_name_H-M   'C 1 2 1'
#
loop_
_entity.id
_entity.type
_entity.pdbx_description
1 polymer 'Collagenase 3'
2 non-polymer 'ZINC ION'
3 non-polymer 'CALCIUM ION'
4 non-polymer 'SODIUM ION'
5 non-polymer 'FORMIC ACID'
6 non-polymer '4-[2-({6-fluoro-2-[(3-methoxybenzyl)carbamoyl]-4-oxo-3,4-dihydroquinazolin-5-yl}oxy)ethyl]benzoic acid'
7 water water
#
_entity_poly.entity_id   1
_entity_poly.type   'polypeptide(L)'
_entity_poly.pdbx_seq_one_letter_code
;YNVFPRTLKWSKMNLTYRIVNYTPDMTHSEVEKAFKKAFKVWSDVTPLNFTRLHDGIADIMISFGIKEHGDFYPFDGPSG
LLAHAFPPGPNYGGDAHFDDDETWTSSSKGYNLFLVAAHEFGHSLGLDHSKDPGALMFPIYTYTGKSHFMLPDDDVQGIQ
SLYGPGDEDPN
;
_entity_poly.pdbx_strand_id   A,B
#
loop_
_chem_comp.id
_chem_comp.type
_chem_comp.name
_chem_comp.formula
CA non-polymer 'CALCIUM ION' 'Ca 2'
FMT non-polymer 'FORMIC ACID' 'C H2 O2'
NA non-polymer 'SODIUM ION' 'Na 1'
WHH non-polymer '4-[2-({6-fluoro-2-[(3-methoxybenzyl)carbamoyl]-4-oxo-3,4-dihydroquinazolin-5-yl}oxy)ethyl]benzoic acid' 'C26 H22 F N3 O6'
ZN non-polymer 'ZINC ION' 'Zn 2'
#
# COMPACT_ATOMS: atom_id res chain seq x y z
N TYR A 1 4.18 -4.70 -20.17
CA TYR A 1 4.00 -3.57 -19.20
C TYR A 1 2.87 -3.85 -18.24
N ASN A 2 2.89 -3.18 -17.09
CA ASN A 2 1.80 -3.27 -16.13
C ASN A 2 1.42 -1.93 -15.53
N VAL A 3 0.12 -1.67 -15.56
CA VAL A 3 -0.48 -0.50 -14.92
C VAL A 3 -0.97 -0.96 -13.54
N PHE A 4 -1.04 -0.06 -12.56
CA PHE A 4 -1.56 -0.41 -11.24
C PHE A 4 -3.06 -0.77 -11.31
N PRO A 5 -3.49 -1.81 -10.56
CA PRO A 5 -4.92 -2.16 -10.43
C PRO A 5 -5.85 -0.95 -10.15
N ARG A 6 -7.12 -1.05 -10.57
CA ARG A 6 -8.11 0.02 -10.36
C ARG A 6 -8.50 0.21 -8.88
N THR A 7 -8.44 -0.87 -8.13
CA THR A 7 -8.82 -0.84 -6.71
C THR A 7 -7.72 -1.52 -5.92
N LEU A 8 -7.48 -1.01 -4.70
CA LEU A 8 -6.64 -1.70 -3.73
C LEU A 8 -7.19 -3.09 -3.43
N LYS A 9 -6.49 -4.11 -3.92
CA LYS A 9 -6.81 -5.49 -3.58
C LYS A 9 -5.50 -6.28 -3.51
N TRP A 10 -5.56 -7.47 -2.92
CA TRP A 10 -4.44 -8.39 -2.94
C TRP A 10 -4.39 -9.02 -4.33
N SER A 11 -3.18 -9.13 -4.89
CA SER A 11 -2.99 -9.68 -6.23
C SER A 11 -2.75 -11.19 -6.17
N LYS A 12 -3.04 -11.78 -5.01
CA LYS A 12 -2.90 -13.20 -4.77
C LYS A 12 -4.08 -13.69 -3.91
N MET A 13 -4.45 -14.95 -4.09
CA MET A 13 -5.58 -15.52 -3.35
C MET A 13 -5.13 -16.13 -2.03
N ASN A 14 -3.86 -16.52 -1.95
CA ASN A 14 -3.32 -17.15 -0.75
C ASN A 14 -2.75 -16.10 0.15
N LEU A 15 -3.45 -15.78 1.24
CA LEU A 15 -2.95 -14.80 2.18
C LEU A 15 -2.53 -15.45 3.47
N THR A 16 -1.56 -14.84 4.13
CA THR A 16 -1.15 -15.33 5.44
C THR A 16 -1.51 -14.31 6.51
N TYR A 17 -1.72 -14.79 7.72
CA TYR A 17 -1.86 -13.91 8.87
C TYR A 17 -1.11 -14.43 10.08
N ARG A 18 -0.76 -13.52 10.97
CA ARG A 18 -0.04 -13.86 12.17
C ARG A 18 -0.63 -13.11 13.35
N ILE A 19 -0.93 -13.83 14.42
CA ILE A 19 -1.34 -13.17 15.65
C ILE A 19 -0.05 -12.87 16.42
N VAL A 20 0.37 -11.61 16.33
CA VAL A 20 1.68 -11.17 16.86
C VAL A 20 1.70 -11.20 18.39
N ASN A 21 0.60 -10.74 18.97
CA ASN A 21 0.40 -10.81 20.40
C ASN A 21 -1.09 -10.93 20.73
N TYR A 22 -1.38 -11.04 22.03
CA TYR A 22 -2.71 -11.38 22.49
C TYR A 22 -3.21 -10.42 23.56
N THR A 23 -4.52 -10.16 23.51
CA THR A 23 -5.20 -9.42 24.55
C THR A 23 -5.23 -10.21 25.88
N PRO A 24 -5.21 -9.50 27.02
CA PRO A 24 -5.45 -10.18 28.30
C PRO A 24 -6.88 -10.74 28.43
N ASP A 25 -7.82 -10.18 27.67
CA ASP A 25 -9.25 -10.38 27.92
C ASP A 25 -9.81 -11.78 27.68
N MET A 26 -9.14 -12.52 26.81
CA MET A 26 -9.64 -13.77 26.27
C MET A 26 -8.49 -14.77 26.25
N THR A 27 -8.78 -16.07 26.15
CA THR A 27 -7.71 -17.06 26.03
C THR A 27 -7.11 -17.01 24.64
N HIS A 28 -5.90 -17.54 24.50
CA HIS A 28 -5.25 -17.71 23.19
C HIS A 28 -6.19 -18.39 22.24
N SER A 29 -6.81 -19.48 22.72
CA SER A 29 -7.72 -20.30 21.92
C SER A 29 -8.99 -19.56 21.46
N GLU A 30 -9.61 -18.78 22.36
CA GLU A 30 -10.76 -17.91 22.05
C GLU A 30 -10.39 -16.87 20.99
N VAL A 31 -9.21 -16.29 21.14
CA VAL A 31 -8.68 -15.29 20.19
C VAL A 31 -8.41 -15.92 18.81
N GLU A 32 -7.70 -17.05 18.79
CA GLU A 32 -7.48 -17.81 17.56
C GLU A 32 -8.80 -18.22 16.86
N LYS A 33 -9.77 -18.69 17.64
CA LYS A 33 -11.07 -19.11 17.10
C LYS A 33 -11.84 -17.93 16.50
N ALA A 34 -11.77 -16.79 17.19
CA ALA A 34 -12.41 -15.55 16.75
C ALA A 34 -11.85 -15.05 15.42
N PHE A 35 -10.52 -15.09 15.28
CA PHE A 35 -9.86 -14.61 14.06
C PHE A 35 -10.09 -15.60 12.96
N LYS A 36 -10.00 -16.89 13.27
CA LYS A 36 -10.29 -17.93 12.28
C LYS A 36 -11.72 -17.84 11.72
N LYS A 37 -12.70 -17.61 12.59
CA LYS A 37 -14.09 -17.45 12.16
C LYS A 37 -14.29 -16.20 11.31
N ALA A 38 -13.60 -15.12 11.70
CA ALA A 38 -13.62 -13.84 10.99
C ALA A 38 -13.01 -13.93 9.59
N PHE A 39 -11.94 -14.70 9.44
CA PHE A 39 -11.38 -14.91 8.11
C PHE A 39 -12.28 -15.79 7.24
N LYS A 40 -12.93 -16.77 7.86
CA LYS A 40 -13.87 -17.65 7.18
C LYS A 40 -15.12 -16.95 6.62
N VAL A 41 -15.55 -15.88 7.29
CA VAL A 41 -16.58 -14.97 6.76
C VAL A 41 -16.29 -14.56 5.31
N TRP A 42 -15.03 -14.22 5.07
CA TRP A 42 -14.60 -13.72 3.78
C TRP A 42 -14.17 -14.81 2.80
N SER A 43 -13.47 -15.82 3.29
CA SER A 43 -13.07 -16.93 2.43
C SER A 43 -14.27 -17.76 1.93
N ASP A 44 -15.36 -17.78 2.69
CA ASP A 44 -16.55 -18.52 2.31
C ASP A 44 -17.29 -17.95 1.10
N VAL A 45 -17.01 -16.69 0.77
CA VAL A 45 -17.71 -16.01 -0.34
C VAL A 45 -16.80 -15.47 -1.45
N THR A 46 -15.53 -15.91 -1.45
CA THR A 46 -14.50 -15.54 -2.42
C THR A 46 -13.59 -16.76 -2.69
N PRO A 47 -12.59 -16.63 -3.57
CA PRO A 47 -11.54 -17.66 -3.67
C PRO A 47 -10.35 -17.48 -2.71
N LEU A 48 -10.51 -16.63 -1.70
CA LEU A 48 -9.45 -16.31 -0.74
C LEU A 48 -9.15 -17.45 0.23
N ASN A 49 -7.86 -17.71 0.42
CA ASN A 49 -7.39 -18.71 1.38
C ASN A 49 -6.55 -18.02 2.43
N PHE A 50 -6.80 -18.34 3.69
CA PHE A 50 -6.03 -17.72 4.76
C PHE A 50 -5.25 -18.81 5.50
N THR A 51 -3.94 -18.61 5.62
CA THR A 51 -3.09 -19.54 6.35
C THR A 51 -2.50 -18.77 7.52
N ARG A 52 -2.69 -19.29 8.73
CA ARG A 52 -2.06 -18.73 9.91
C ARG A 52 -0.58 -19.12 9.98
N LEU A 53 0.25 -18.11 10.25
CA LEU A 53 1.68 -18.27 10.55
C LEU A 53 1.91 -18.06 12.02
N HIS A 54 2.84 -18.82 12.58
CA HIS A 54 3.13 -18.71 13.99
C HIS A 54 4.17 -17.62 14.25
N ASP A 55 4.96 -17.32 13.23
CA ASP A 55 6.00 -16.32 13.34
C ASP A 55 6.36 -15.78 11.96
N GLY A 56 7.30 -14.84 11.92
CA GLY A 56 7.78 -14.31 10.66
C GLY A 56 6.84 -13.25 10.13
N ILE A 57 6.90 -13.04 8.82
CA ILE A 57 6.15 -11.94 8.24
C ILE A 57 5.00 -12.52 7.45
N ALA A 58 3.80 -12.15 7.89
CA ALA A 58 2.54 -12.50 7.23
C ALA A 58 2.01 -11.29 6.52
N ASP A 59 1.12 -11.55 5.56
CA ASP A 59 0.41 -10.47 4.87
C ASP A 59 -0.35 -9.63 5.87
N ILE A 60 -1.12 -10.27 6.74
CA ILE A 60 -1.93 -9.60 7.73
C ILE A 60 -1.32 -9.86 9.11
N MET A 61 -0.53 -8.93 9.60
CA MET A 61 -0.03 -8.99 10.97
C MET A 61 -1.10 -8.44 11.88
N ILE A 62 -1.51 -9.25 12.86
CA ILE A 62 -2.55 -8.86 13.80
C ILE A 62 -1.94 -8.60 15.15
N SER A 63 -2.27 -7.47 15.75
CA SER A 63 -1.78 -7.21 17.10
C SER A 63 -2.73 -6.38 17.95
N PHE A 64 -2.47 -6.42 19.24
CA PHE A 64 -3.20 -5.69 20.25
C PHE A 64 -2.21 -4.70 20.84
N GLY A 65 -2.61 -3.44 20.92
CA GLY A 65 -1.70 -2.42 21.44
C GLY A 65 -2.51 -1.26 21.97
N ILE A 66 -1.84 -0.33 22.63
CA ILE A 66 -2.53 0.82 23.15
C ILE A 66 -1.81 2.06 22.73
N LYS A 67 -2.52 3.18 22.77
CA LYS A 67 -1.96 4.49 22.48
C LYS A 67 -1.08 4.41 21.24
N GLU A 68 0.13 4.96 21.31
CA GLU A 68 1.10 4.88 20.22
C GLU A 68 1.69 3.49 20.14
N HIS A 69 1.49 2.84 18.99
CA HIS A 69 1.84 1.43 18.83
C HIS A 69 2.59 1.16 17.51
N GLY A 70 3.10 2.22 16.91
CA GLY A 70 3.96 2.12 15.73
C GLY A 70 3.38 2.54 14.40
N ASP A 71 2.35 3.38 14.41
CA ASP A 71 1.84 3.94 13.16
C ASP A 71 1.33 5.35 13.38
N PHE A 72 0.70 5.92 12.37
CA PHE A 72 0.15 7.27 12.49
C PHE A 72 -1.23 7.31 13.14
N TYR A 73 -1.68 6.18 13.67
CA TYR A 73 -3.04 6.06 14.19
C TYR A 73 -3.05 5.60 15.65
N PRO A 74 -2.55 6.45 16.56
CA PRO A 74 -2.50 6.05 17.95
C PRO A 74 -3.90 5.73 18.49
N PHE A 75 -3.99 4.74 19.37
CA PHE A 75 -5.27 4.46 20.01
C PHE A 75 -5.51 5.48 21.14
N ASP A 76 -6.70 5.45 21.74
CA ASP A 76 -7.15 6.57 22.56
C ASP A 76 -7.64 6.19 23.94
N GLY A 77 -7.25 5.01 24.40
CA GLY A 77 -7.75 4.50 25.66
C GLY A 77 -9.12 3.89 25.48
N PRO A 78 -9.83 3.64 26.60
CA PRO A 78 -11.11 2.93 26.59
C PRO A 78 -12.16 3.65 25.76
N SER A 79 -13.00 2.88 25.08
CA SER A 79 -14.03 3.40 24.19
C SER A 79 -13.42 4.17 23.00
N GLY A 80 -14.24 4.89 22.22
CA GLY A 80 -13.72 5.64 21.08
C GLY A 80 -13.29 4.71 19.97
N LEU A 81 -12.09 4.93 19.43
CA LEU A 81 -11.47 3.99 18.47
C LEU A 81 -11.35 2.60 19.07
N LEU A 82 -11.70 1.57 18.28
CA LEU A 82 -11.68 0.18 18.72
C LEU A 82 -10.54 -0.60 18.10
N ALA A 83 -10.30 -0.34 16.81
CA ALA A 83 -9.44 -1.16 16.00
C ALA A 83 -9.30 -0.45 14.71
N HIS A 84 -8.25 -0.77 13.97
CA HIS A 84 -8.18 -0.34 12.59
C HIS A 84 -7.34 -1.32 11.77
N ALA A 85 -7.53 -1.28 10.46
CA ALA A 85 -6.78 -2.15 9.58
C ALA A 85 -6.38 -1.35 8.37
N PHE A 86 -5.25 -1.73 7.78
CA PHE A 86 -4.73 -1.05 6.60
C PHE A 86 -5.19 -1.80 5.37
N PRO A 87 -5.56 -1.07 4.30
CA PRO A 87 -5.94 -1.68 3.02
C PRO A 87 -4.78 -2.52 2.48
N PRO A 88 -5.07 -3.38 1.48
CA PRO A 88 -4.09 -4.29 0.89
C PRO A 88 -2.85 -3.54 0.39
N GLY A 89 -1.68 -4.12 0.61
CA GLY A 89 -0.44 -3.48 0.24
C GLY A 89 0.72 -4.04 1.04
N PRO A 90 1.95 -3.55 0.78
CA PRO A 90 3.13 -4.04 1.49
C PRO A 90 3.21 -3.50 2.92
N ASN A 91 4.08 -4.11 3.73
CA ASN A 91 4.39 -3.62 5.07
C ASN A 91 3.16 -3.60 5.94
N TYR A 92 2.82 -2.41 6.44
CA TYR A 92 1.59 -2.22 7.22
C TYR A 92 0.31 -2.55 6.44
N GLY A 93 0.38 -2.59 5.11
CA GLY A 93 -0.77 -3.04 4.30
C GLY A 93 -1.42 -4.33 4.83
N GLY A 94 -2.74 -4.35 4.99
CA GLY A 94 -3.43 -5.53 5.49
C GLY A 94 -3.41 -5.72 7.00
N ASP A 95 -2.49 -5.08 7.72
CA ASP A 95 -2.36 -5.32 9.15
C ASP A 95 -3.58 -4.81 9.90
N ALA A 96 -3.91 -5.48 10.99
CA ALA A 96 -5.08 -5.14 11.81
C ALA A 96 -4.63 -4.97 13.25
N HIS A 97 -4.97 -3.83 13.83
CA HIS A 97 -4.55 -3.46 15.17
C HIS A 97 -5.79 -3.27 15.99
N PHE A 98 -5.79 -3.87 17.18
CA PHE A 98 -6.93 -3.82 18.07
C PHE A 98 -6.52 -3.07 19.32
N ASP A 99 -7.36 -2.14 19.74
CA ASP A 99 -7.06 -1.33 20.92
C ASP A 99 -7.22 -2.17 22.17
N ASP A 100 -6.12 -2.45 22.88
CA ASP A 100 -6.24 -3.26 24.07
C ASP A 100 -6.65 -2.47 25.31
N ASP A 101 -7.02 -1.20 25.16
CA ASP A 101 -7.81 -0.58 26.21
C ASP A 101 -9.31 -0.88 26.17
N GLU A 102 -9.77 -1.54 25.10
CA GLU A 102 -11.14 -2.06 25.03
C GLU A 102 -11.23 -3.41 25.74
N THR A 103 -12.45 -3.80 26.12
CA THR A 103 -12.71 -5.13 26.62
C THR A 103 -13.17 -5.99 25.45
N TRP A 104 -12.34 -6.98 25.10
CA TRP A 104 -12.63 -7.87 23.99
C TRP A 104 -13.26 -9.13 24.51
N THR A 105 -14.36 -9.53 23.87
CA THR A 105 -15.09 -10.71 24.35
C THR A 105 -15.45 -11.68 23.23
N SER A 106 -15.99 -12.82 23.62
CA SER A 106 -16.62 -13.75 22.69
C SER A 106 -18.13 -13.77 22.94
N SER A 107 -18.66 -12.68 23.47
CA SER A 107 -20.07 -12.54 23.81
C SER A 107 -20.60 -11.20 23.26
N SER A 108 -21.73 -10.76 23.80
CA SER A 108 -22.30 -9.43 23.50
C SER A 108 -21.80 -8.38 24.48
N LYS A 109 -21.09 -8.81 25.53
CA LYS A 109 -20.47 -7.87 26.46
C LYS A 109 -19.26 -7.25 25.79
N GLY A 110 -18.86 -6.07 26.26
CA GLY A 110 -17.73 -5.34 25.70
C GLY A 110 -17.85 -5.18 24.20
N TYR A 111 -16.75 -5.45 23.49
CA TYR A 111 -16.73 -5.53 22.02
C TYR A 111 -16.35 -6.93 21.61
N ASN A 112 -17.21 -7.53 20.79
CA ASN A 112 -17.03 -8.88 20.32
C ASN A 112 -15.85 -8.94 19.35
N LEU A 113 -14.85 -9.74 19.68
CA LEU A 113 -13.61 -9.72 18.92
C LEU A 113 -13.85 -10.27 17.52
N PHE A 114 -14.60 -11.36 17.41
CA PHE A 114 -14.95 -11.91 16.11
C PHE A 114 -15.60 -10.83 15.23
N LEU A 115 -16.61 -10.15 15.75
CA LEU A 115 -17.37 -9.19 14.96
C LEU A 115 -16.49 -8.02 14.48
N VAL A 116 -15.74 -7.41 15.41
CA VAL A 116 -14.81 -6.34 15.03
C VAL A 116 -13.71 -6.84 14.08
N ALA A 117 -13.20 -8.05 14.32
CA ALA A 117 -12.19 -8.64 13.43
C ALA A 117 -12.71 -8.87 12.02
N ALA A 118 -13.93 -9.39 11.90
CA ALA A 118 -14.50 -9.63 10.58
C ALA A 118 -14.56 -8.31 9.81
N HIS A 119 -15.02 -7.27 10.51
CA HIS A 119 -15.07 -5.92 9.96
C HIS A 119 -13.68 -5.40 9.62
N GLU A 120 -12.71 -5.59 10.52
CA GLU A 120 -11.35 -5.11 10.24
C GLU A 120 -10.76 -5.86 9.05
N PHE A 121 -11.05 -7.16 8.95
CA PHE A 121 -10.51 -7.95 7.84
C PHE A 121 -11.14 -7.54 6.51
N GLY A 122 -12.38 -7.05 6.54
CA GLY A 122 -12.97 -6.41 5.37
C GLY A 122 -12.04 -5.30 4.86
N HIS A 123 -11.66 -4.38 5.75
CA HIS A 123 -10.64 -3.36 5.42
C HIS A 123 -9.32 -3.94 4.95
N SER A 124 -8.78 -4.91 5.68
CA SER A 124 -7.55 -5.59 5.28
C SER A 124 -7.63 -6.14 3.87
N LEU A 125 -8.85 -6.35 3.38
CA LEU A 125 -9.01 -6.97 2.08
C LEU A 125 -9.39 -5.99 0.97
N GLY A 126 -9.66 -4.74 1.31
CA GLY A 126 -10.00 -3.75 0.29
C GLY A 126 -11.35 -3.08 0.42
N LEU A 127 -12.13 -3.43 1.44
CA LEU A 127 -13.42 -2.75 1.67
C LEU A 127 -13.30 -1.57 2.61
N ASP A 128 -13.93 -0.47 2.21
CA ASP A 128 -14.07 0.67 3.07
C ASP A 128 -15.42 0.54 3.75
N HIS A 129 -15.91 1.61 4.37
CA HIS A 129 -17.23 1.58 5.00
C HIS A 129 -18.41 1.66 4.01
N SER A 130 -19.51 1.04 4.42
CA SER A 130 -20.76 0.99 3.68
C SER A 130 -21.79 1.93 4.33
N LYS A 131 -22.75 2.43 3.55
CA LYS A 131 -23.86 3.23 4.09
C LYS A 131 -25.01 2.35 4.58
N ASP A 132 -24.99 1.08 4.21
CA ASP A 132 -26.02 0.14 4.61
C ASP A 132 -25.96 -0.09 6.12
N PRO A 133 -26.97 0.37 6.88
CA PRO A 133 -26.92 0.26 8.34
C PRO A 133 -26.88 -1.20 8.84
N GLY A 134 -27.32 -2.14 8.00
CA GLY A 134 -27.20 -3.55 8.33
C GLY A 134 -25.86 -4.20 7.96
N ALA A 135 -24.98 -3.47 7.29
CA ALA A 135 -23.76 -4.09 6.74
C ALA A 135 -22.71 -4.37 7.81
N LEU A 136 -21.93 -5.44 7.61
CA LEU A 136 -20.76 -5.71 8.44
C LEU A 136 -19.81 -4.50 8.41
N MET A 137 -19.65 -3.93 7.22
CA MET A 137 -18.80 -2.77 6.97
C MET A 137 -19.41 -1.41 7.27
N PHE A 138 -20.55 -1.38 7.93
CA PHE A 138 -21.13 -0.12 8.44
C PHE A 138 -20.11 0.46 9.46
N PRO A 139 -19.92 1.80 9.49
CA PRO A 139 -18.88 2.39 10.34
C PRO A 139 -19.12 2.32 11.84
N ILE A 140 -20.33 1.99 12.26
CA ILE A 140 -20.67 2.02 13.68
C ILE A 140 -20.97 0.63 14.19
N TYR A 141 -20.18 0.22 15.18
CA TYR A 141 -20.32 -1.07 15.84
C TYR A 141 -21.65 -1.13 16.59
N THR A 142 -22.47 -2.12 16.26
CA THR A 142 -23.63 -2.47 17.08
C THR A 142 -23.63 -3.98 17.20
N TYR A 143 -24.13 -4.50 18.31
CA TYR A 143 -24.21 -5.94 18.45
C TYR A 143 -25.66 -6.36 18.53
N THR A 144 -26.11 -7.02 17.44
CA THR A 144 -27.54 -7.22 17.15
C THR A 144 -28.27 -8.26 18.02
N GLY A 145 -27.50 -9.14 18.67
CA GLY A 145 -28.09 -10.19 19.49
C GLY A 145 -28.56 -11.33 18.62
N LYS A 146 -28.15 -11.30 17.35
CA LYS A 146 -28.30 -12.44 16.45
C LYS A 146 -27.47 -13.58 17.01
N SER A 147 -28.06 -14.77 17.05
CA SER A 147 -27.34 -15.96 17.45
C SER A 147 -26.40 -16.34 16.31
N HIS A 148 -26.92 -16.27 15.10
CA HIS A 148 -26.25 -16.74 13.92
C HIS A 148 -25.68 -15.54 13.15
N PHE A 149 -24.38 -15.56 12.88
CA PHE A 149 -23.79 -14.58 11.97
C PHE A 149 -24.10 -14.92 10.52
N MET A 150 -24.54 -13.92 9.78
CA MET A 150 -24.76 -14.04 8.34
C MET A 150 -24.10 -12.84 7.68
N LEU A 151 -23.22 -13.05 6.71
CA LEU A 151 -22.63 -11.91 6.01
C LEU A 151 -23.73 -11.23 5.20
N PRO A 152 -24.03 -9.94 5.49
CA PRO A 152 -25.04 -9.21 4.72
C PRO A 152 -24.73 -9.12 3.23
N ASP A 153 -25.76 -9.00 2.41
CA ASP A 153 -25.56 -9.01 0.97
C ASP A 153 -24.71 -7.84 0.50
N ASP A 154 -24.83 -6.68 1.14
CA ASP A 154 -23.95 -5.56 0.79
C ASP A 154 -22.45 -5.91 0.84
N ASP A 155 -22.02 -6.56 1.92
CA ASP A 155 -20.64 -6.96 2.09
C ASP A 155 -20.22 -8.08 1.13
N VAL A 156 -21.14 -8.98 0.82
CA VAL A 156 -20.91 -10.03 -0.19
C VAL A 156 -20.63 -9.38 -1.54
N GLN A 157 -21.49 -8.45 -1.93
CA GLN A 157 -21.35 -7.76 -3.23
C GLN A 157 -20.02 -7.03 -3.28
N GLY A 158 -19.69 -6.35 -2.18
CA GLY A 158 -18.45 -5.59 -2.09
C GLY A 158 -17.23 -6.47 -2.25
N ILE A 159 -17.13 -7.52 -1.44
CA ILE A 159 -15.91 -8.35 -1.46
C ILE A 159 -15.81 -9.13 -2.78
N GLN A 160 -16.94 -9.56 -3.31
CA GLN A 160 -16.94 -10.27 -4.59
C GLN A 160 -16.60 -9.37 -5.79
N SER A 161 -16.88 -8.07 -5.65
CA SER A 161 -16.47 -7.09 -6.69
C SER A 161 -14.92 -7.04 -6.81
N LEU A 162 -14.25 -7.38 -5.71
CA LEU A 162 -12.81 -7.36 -5.64
C LEU A 162 -12.18 -8.69 -6.04
N TYR A 163 -12.75 -9.79 -5.55
CA TYR A 163 -12.10 -11.11 -5.67
C TYR A 163 -12.92 -12.15 -6.41
N GLY A 164 -14.13 -11.81 -6.81
CA GLY A 164 -15.04 -12.79 -7.40
C GLY A 164 -15.58 -13.66 -6.29
N PRO A 165 -16.50 -14.58 -6.62
CA PRO A 165 -17.17 -15.40 -5.64
C PRO A 165 -16.47 -16.68 -5.19
N GLY A 166 -15.43 -17.13 -5.89
CA GLY A 166 -14.87 -18.46 -5.62
C GLY A 166 -15.95 -19.48 -5.96
N ASP A 167 -15.94 -20.62 -5.27
CA ASP A 167 -16.93 -21.67 -5.54
C ASP A 167 -18.27 -21.17 -5.04
N GLU A 168 -19.27 -21.17 -5.91
CA GLU A 168 -20.57 -20.62 -5.59
C GLU A 168 -21.42 -21.64 -4.81
N ASP A 169 -20.95 -22.87 -4.73
CA ASP A 169 -21.47 -23.84 -3.76
C ASP A 169 -20.50 -23.98 -2.56
N PRO A 170 -20.18 -25.22 -2.09
CA PRO A 170 -19.19 -25.25 -1.01
C PRO A 170 -17.78 -24.93 -1.50
N TYR B 1 -21.92 -0.54 -0.60
CA TYR B 1 -20.51 -0.82 -0.19
C TYR B 1 -19.57 0.17 -0.80
N ASN B 2 -18.36 0.29 -0.24
CA ASN B 2 -17.29 1.02 -0.87
C ASN B 2 -16.00 0.22 -0.89
N VAL B 3 -15.20 0.44 -1.91
CA VAL B 3 -13.82 -0.04 -1.95
C VAL B 3 -12.91 1.18 -1.77
N PHE B 4 -11.60 0.97 -1.86
CA PHE B 4 -10.65 2.07 -1.80
C PHE B 4 -10.27 2.45 -3.23
N THR B 7 -7.01 5.54 -7.94
CA THR B 7 -6.83 6.51 -9.03
C THR B 7 -5.75 6.08 -10.03
N LEU B 8 -6.20 5.68 -11.23
CA LEU B 8 -5.35 5.04 -12.24
C LEU B 8 -4.27 5.97 -12.84
N LYS B 9 -4.58 7.25 -12.94
CA LYS B 9 -3.69 8.20 -13.59
C LYS B 9 -4.00 9.63 -13.16
N TRP B 10 -3.02 10.50 -13.36
CA TRP B 10 -3.21 11.93 -13.15
C TRP B 10 -4.24 12.47 -14.14
N SER B 11 -5.19 13.23 -13.61
CA SER B 11 -6.31 13.80 -14.36
C SER B 11 -5.84 15.01 -15.13
N LYS B 12 -4.73 15.59 -14.69
CA LYS B 12 -4.06 16.68 -15.39
C LYS B 12 -2.77 16.18 -16.07
N MET B 13 -2.35 16.88 -17.12
CA MET B 13 -1.10 16.57 -17.82
C MET B 13 0.06 17.40 -17.25
N ASN B 14 -0.27 18.53 -16.65
CA ASN B 14 0.73 19.40 -16.04
C ASN B 14 0.93 19.05 -14.56
N LEU B 15 2.09 18.49 -14.23
CA LEU B 15 2.40 18.12 -12.86
C LEU B 15 3.55 18.94 -12.32
N THR B 16 3.55 19.10 -11.01
CA THR B 16 4.61 19.83 -10.34
C THR B 16 5.47 18.84 -9.57
N TYR B 17 6.73 19.19 -9.38
CA TYR B 17 7.56 18.43 -8.48
C TYR B 17 8.40 19.36 -7.64
N ARG B 18 8.91 18.85 -6.53
CA ARG B 18 9.75 19.65 -5.67
C ARG B 18 10.86 18.73 -5.19
N ILE B 19 12.11 19.20 -5.28
CA ILE B 19 13.20 18.50 -4.61
C ILE B 19 13.34 19.09 -3.21
N VAL B 20 12.89 18.33 -2.22
CA VAL B 20 12.81 18.80 -0.83
C VAL B 20 14.19 18.89 -0.16
N ASN B 21 15.06 17.92 -0.43
CA ASN B 21 16.41 17.90 0.13
C ASN B 21 17.32 17.11 -0.81
N TYR B 22 18.62 17.09 -0.49
CA TYR B 22 19.66 16.64 -1.41
C TYR B 22 20.61 15.65 -0.77
N THR B 23 21.01 14.65 -1.55
CA THR B 23 22.03 13.70 -1.13
C THR B 23 23.39 14.39 -0.97
N PRO B 24 24.22 13.90 -0.04
CA PRO B 24 25.59 14.40 0.03
C PRO B 24 26.47 13.97 -1.16
N ASP B 25 26.04 12.95 -1.91
CA ASP B 25 26.91 12.26 -2.87
C ASP B 25 27.08 12.98 -4.20
N MET B 26 26.20 13.93 -4.49
CA MET B 26 26.23 14.62 -5.77
C MET B 26 26.06 16.09 -5.51
N THR B 27 26.47 16.94 -6.46
CA THR B 27 26.21 18.37 -6.32
C THR B 27 24.71 18.63 -6.46
N HIS B 28 24.24 19.77 -5.98
CA HIS B 28 22.86 20.18 -6.23
C HIS B 28 22.52 20.16 -7.72
N SER B 29 23.39 20.74 -8.56
CA SER B 29 23.12 20.74 -10.01
C SER B 29 23.07 19.34 -10.60
N GLU B 30 23.97 18.46 -10.17
CA GLU B 30 23.95 17.08 -10.67
C GLU B 30 22.60 16.41 -10.35
N VAL B 31 22.12 16.60 -9.11
CA VAL B 31 20.84 16.05 -8.66
C VAL B 31 19.65 16.63 -9.43
N GLU B 32 19.67 17.94 -9.64
CA GLU B 32 18.60 18.63 -10.37
C GLU B 32 18.53 18.14 -11.81
N LYS B 33 19.69 17.96 -12.43
CA LYS B 33 19.82 17.45 -13.79
C LYS B 33 19.34 16.01 -13.90
N ALA B 34 19.73 15.17 -12.93
CA ALA B 34 19.25 13.80 -12.83
C ALA B 34 17.73 13.71 -12.80
N PHE B 35 17.07 14.49 -11.92
CA PHE B 35 15.61 14.49 -11.86
C PHE B 35 14.95 15.10 -13.09
N LYS B 36 15.51 16.20 -13.59
CA LYS B 36 14.99 16.83 -14.81
C LYS B 36 15.03 15.82 -15.96
N LYS B 37 16.14 15.09 -16.06
CA LYS B 37 16.32 14.09 -17.08
C LYS B 37 15.36 12.92 -16.90
N ALA B 38 15.14 12.53 -15.64
CA ALA B 38 14.22 11.42 -15.34
C ALA B 38 12.76 11.71 -15.68
N PHE B 39 12.31 12.95 -15.49
CA PHE B 39 10.97 13.34 -15.88
C PHE B 39 10.83 13.42 -17.38
N LYS B 40 11.93 13.83 -18.03
CA LYS B 40 11.98 14.00 -19.48
C LYS B 40 11.76 12.66 -20.19
N VAL B 41 12.23 11.58 -19.58
CA VAL B 41 11.97 10.21 -20.02
C VAL B 41 10.49 10.02 -20.35
N TRP B 42 9.65 10.54 -19.45
CA TRP B 42 8.20 10.32 -19.50
C TRP B 42 7.44 11.42 -20.25
N SER B 43 7.86 12.67 -20.07
CA SER B 43 7.27 13.78 -20.83
C SER B 43 7.55 13.64 -22.33
N ASP B 44 8.67 12.98 -22.70
CA ASP B 44 9.09 12.83 -24.10
C ASP B 44 8.17 11.95 -24.93
N VAL B 45 7.38 11.09 -24.28
CA VAL B 45 6.55 10.12 -24.98
C VAL B 45 5.07 10.18 -24.56
N THR B 46 4.70 11.26 -23.88
CA THR B 46 3.31 11.52 -23.46
C THR B 46 3.04 13.05 -23.55
N PRO B 47 1.77 13.47 -23.33
CA PRO B 47 1.51 14.91 -23.24
C PRO B 47 1.80 15.46 -21.82
N LEU B 48 2.33 14.60 -20.96
CA LEU B 48 2.74 14.96 -19.60
C LEU B 48 3.78 16.07 -19.60
N ASN B 49 3.61 17.04 -18.71
CA ASN B 49 4.61 18.07 -18.48
C ASN B 49 4.89 18.17 -16.98
N PHE B 50 6.12 18.52 -16.65
CA PHE B 50 6.55 18.66 -15.25
C PHE B 50 7.18 20.02 -14.98
N THR B 51 6.72 20.64 -13.91
CA THR B 51 7.14 21.97 -13.49
C THR B 51 7.75 21.81 -12.11
N ARG B 52 8.95 22.35 -11.93
CA ARG B 52 9.59 22.28 -10.62
C ARG B 52 9.13 23.43 -9.73
N LEU B 53 8.65 23.11 -8.54
CA LEU B 53 8.39 24.10 -7.50
C LEU B 53 9.58 24.13 -6.53
N HIS B 54 9.92 25.31 -6.03
CA HIS B 54 11.02 25.46 -5.09
C HIS B 54 10.55 25.49 -3.64
N ASP B 55 9.25 25.66 -3.45
CA ASP B 55 8.61 25.58 -2.13
C ASP B 55 7.13 25.25 -2.29
N GLY B 56 6.47 24.96 -1.17
CA GLY B 56 5.09 24.54 -1.20
C GLY B 56 4.97 23.05 -1.48
N ILE B 57 3.73 22.62 -1.71
CA ILE B 57 3.49 21.22 -1.96
C ILE B 57 3.26 21.02 -3.45
N ALA B 58 4.14 20.21 -4.03
CA ALA B 58 4.07 19.81 -5.42
C ALA B 58 3.35 18.47 -5.48
N ASP B 59 2.93 18.06 -6.69
CA ASP B 59 2.38 16.71 -6.90
C ASP B 59 3.41 15.65 -6.57
N ILE B 60 4.61 15.79 -7.12
CA ILE B 60 5.65 14.81 -6.88
C ILE B 60 6.69 15.43 -5.94
N MET B 61 6.60 15.09 -4.64
CA MET B 61 7.54 15.61 -3.67
C MET B 61 8.69 14.63 -3.62
N ILE B 62 9.90 15.14 -3.88
CA ILE B 62 11.10 14.29 -3.93
C ILE B 62 12.01 14.54 -2.72
N SER B 63 12.41 13.47 -2.04
CA SER B 63 13.31 13.60 -0.90
C SER B 63 14.23 12.41 -0.72
N PHE B 64 15.28 12.62 0.04
CA PHE B 64 16.24 11.59 0.37
C PHE B 64 16.12 11.38 1.87
N GLY B 65 16.06 10.12 2.28
CA GLY B 65 15.98 9.79 3.69
C GLY B 65 16.65 8.47 3.96
N ILE B 66 16.88 8.17 5.23
CA ILE B 66 17.38 6.87 5.62
C ILE B 66 16.43 6.26 6.62
N LYS B 67 16.48 4.93 6.74
CA LYS B 67 15.69 4.19 7.73
C LYS B 67 14.23 4.69 7.74
N GLU B 68 13.69 4.94 8.93
CA GLU B 68 12.34 5.50 9.05
C GLU B 68 12.34 7.01 8.78
N HIS B 69 11.60 7.41 7.76
CA HIS B 69 11.72 8.75 7.21
C HIS B 69 10.35 9.42 7.05
N GLY B 70 9.33 8.83 7.68
CA GLY B 70 8.03 9.47 7.88
C GLY B 70 6.83 8.90 7.13
N ASP B 71 6.97 7.71 6.57
CA ASP B 71 5.84 7.05 5.89
C ASP B 71 5.61 5.61 6.35
N PHE B 72 6.42 5.18 7.32
CA PHE B 72 6.46 3.80 7.83
C PHE B 72 6.75 2.74 6.78
N TYR B 73 7.42 3.14 5.69
CA TYR B 73 8.03 2.20 4.75
C TYR B 73 9.53 2.45 4.86
N PRO B 74 10.16 1.99 5.97
CA PRO B 74 11.53 2.39 6.22
C PRO B 74 12.53 1.83 5.21
N PHE B 75 13.62 2.57 4.99
CA PHE B 75 14.73 2.07 4.19
C PHE B 75 15.62 1.19 5.05
N ASP B 76 16.62 0.56 4.43
CA ASP B 76 17.29 -0.58 5.06
C ASP B 76 18.81 -0.47 5.13
N GLY B 77 19.33 0.72 4.85
CA GLY B 77 20.77 0.92 4.83
C GLY B 77 21.37 0.66 3.46
N PRO B 78 22.68 0.42 3.38
CA PRO B 78 23.27 0.17 2.06
C PRO B 78 22.64 -1.05 1.40
N SER B 79 22.44 -0.95 0.08
CA SER B 79 21.79 -1.99 -0.75
C SER B 79 20.36 -2.40 -0.33
N GLY B 80 19.82 -3.44 -0.97
CA GLY B 80 18.43 -3.83 -0.73
C GLY B 80 17.52 -2.78 -1.35
N LEU B 81 16.60 -2.23 -0.56
CA LEU B 81 15.72 -1.16 -1.03
C LEU B 81 16.55 0.05 -1.45
N LEU B 82 16.16 0.67 -2.56
CA LEU B 82 16.90 1.82 -3.07
C LEU B 82 16.07 3.08 -2.97
N ALA B 83 14.77 2.93 -3.21
CA ALA B 83 13.83 4.04 -3.34
C ALA B 83 12.43 3.45 -3.48
N HIS B 84 11.42 4.27 -3.22
CA HIS B 84 10.05 3.88 -3.51
C HIS B 84 9.25 5.11 -3.84
N ALA B 85 8.20 4.91 -4.60
CA ALA B 85 7.34 6.00 -4.98
C ALA B 85 5.90 5.55 -4.86
N PHE B 86 5.00 6.52 -4.70
CA PHE B 86 3.57 6.25 -4.51
C PHE B 86 2.82 6.46 -5.80
N PRO B 87 1.81 5.61 -6.08
CA PRO B 87 0.99 5.76 -7.29
C PRO B 87 0.28 7.11 -7.29
N PRO B 88 -0.27 7.53 -8.45
CA PRO B 88 -0.95 8.83 -8.56
C PRO B 88 -2.00 9.04 -7.48
N GLY B 89 -2.21 10.30 -7.10
CA GLY B 89 -3.21 10.65 -6.10
C GLY B 89 -2.73 11.82 -5.27
N PRO B 90 -3.58 12.29 -4.33
CA PRO B 90 -3.22 13.38 -3.42
C PRO B 90 -2.18 12.98 -2.35
N ASN B 91 -1.60 14.00 -1.70
CA ASN B 91 -0.72 13.80 -0.55
C ASN B 91 0.54 13.04 -0.92
N TYR B 92 0.81 11.92 -0.26
CA TYR B 92 1.95 11.06 -0.58
C TYR B 92 1.92 10.53 -2.03
N GLY B 93 0.74 10.55 -2.64
CA GLY B 93 0.56 10.16 -4.06
C GLY B 93 1.52 10.86 -5.01
N GLY B 94 2.23 10.06 -5.81
CA GLY B 94 3.25 10.57 -6.71
C GLY B 94 4.61 10.79 -6.08
N ASP B 95 4.67 10.89 -4.75
CA ASP B 95 5.93 11.20 -4.03
C ASP B 95 6.98 10.11 -4.24
N ALA B 96 8.27 10.49 -4.19
CA ALA B 96 9.37 9.53 -4.40
C ALA B 96 10.45 9.73 -3.35
N HIS B 97 10.88 8.64 -2.72
CA HIS B 97 11.88 8.71 -1.64
C HIS B 97 13.05 7.86 -2.05
N PHE B 98 14.26 8.40 -1.84
CA PHE B 98 15.49 7.72 -2.25
C PHE B 98 16.32 7.45 -1.01
N ASP B 99 16.81 6.23 -0.90
CA ASP B 99 17.48 5.79 0.32
C ASP B 99 18.85 6.43 0.36
N ASP B 100 19.05 7.37 1.30
CA ASP B 100 20.32 8.07 1.33
C ASP B 100 21.46 7.28 1.96
N ASP B 101 21.20 6.03 2.30
CA ASP B 101 22.29 5.11 2.64
C ASP B 101 22.94 4.48 1.38
N GLU B 102 22.37 4.76 0.20
CA GLU B 102 22.99 4.36 -1.05
C GLU B 102 24.05 5.37 -1.47
N THR B 103 24.99 4.96 -2.33
CA THR B 103 25.83 5.95 -2.99
C THR B 103 25.17 6.27 -4.33
N TRP B 104 24.72 7.52 -4.44
CA TRP B 104 23.99 8.00 -5.61
C TRP B 104 25.00 8.69 -6.52
N THR B 105 24.99 8.32 -7.79
CA THR B 105 26.01 8.84 -8.68
C THR B 105 25.37 9.22 -10.00
N SER B 106 26.17 9.89 -10.83
CA SER B 106 25.82 10.10 -12.24
C SER B 106 26.59 9.14 -13.13
N SER B 107 26.94 7.94 -12.61
CA SER B 107 27.71 6.94 -13.37
C SER B 107 27.31 5.49 -13.05
N SER B 108 28.18 4.54 -13.39
CA SER B 108 27.94 3.13 -13.09
C SER B 108 28.20 2.81 -11.62
N LYS B 109 28.93 3.70 -10.94
CA LYS B 109 29.27 3.53 -9.54
C LYS B 109 28.01 3.64 -8.70
N GLY B 110 27.92 2.79 -7.66
CA GLY B 110 26.79 2.84 -6.74
C GLY B 110 25.50 2.70 -7.50
N TYR B 111 24.55 3.57 -7.20
CA TYR B 111 23.31 3.59 -7.95
C TYR B 111 23.20 4.90 -8.68
N ASN B 112 22.86 4.79 -9.96
CA ASN B 112 22.75 5.95 -10.82
C ASN B 112 21.42 6.60 -10.49
N LEU B 113 21.47 7.84 -10.00
CA LEU B 113 20.27 8.51 -9.52
C LEU B 113 19.23 8.68 -10.62
N PHE B 114 19.65 9.19 -11.76
CA PHE B 114 18.77 9.40 -12.91
C PHE B 114 17.98 8.12 -13.24
N LEU B 115 18.68 6.99 -13.30
CA LEU B 115 18.10 5.72 -13.70
C LEU B 115 17.05 5.25 -12.68
N VAL B 116 17.39 5.35 -11.41
CA VAL B 116 16.47 4.99 -10.33
C VAL B 116 15.28 5.96 -10.33
N ALA B 117 15.55 7.26 -10.42
CA ALA B 117 14.47 8.27 -10.51
C ALA B 117 13.53 8.02 -11.69
N ALA B 118 14.09 7.72 -12.86
CA ALA B 118 13.29 7.47 -14.06
C ALA B 118 12.27 6.37 -13.79
N HIS B 119 12.76 5.26 -13.25
CA HIS B 119 11.98 4.13 -12.82
C HIS B 119 10.91 4.51 -11.79
N GLU B 120 11.33 5.21 -10.74
CA GLU B 120 10.43 5.60 -9.66
C GLU B 120 9.33 6.53 -10.15
N PHE B 121 9.66 7.46 -11.05
CA PHE B 121 8.64 8.35 -11.61
C PHE B 121 7.63 7.58 -12.48
N GLY B 122 8.01 6.40 -12.93
CA GLY B 122 7.10 5.52 -13.65
C GLY B 122 5.97 5.11 -12.73
N HIS B 123 6.32 4.70 -11.51
CA HIS B 123 5.34 4.45 -10.43
C HIS B 123 4.47 5.65 -10.10
N SER B 124 5.09 6.82 -9.96
CA SER B 124 4.39 8.07 -9.66
C SER B 124 3.30 8.35 -10.70
N LEU B 125 3.50 7.83 -11.91
CA LEU B 125 2.59 8.08 -13.04
C LEU B 125 1.57 6.95 -13.30
N GLY B 126 1.70 5.85 -12.57
CA GLY B 126 0.72 4.77 -12.62
C GLY B 126 1.20 3.47 -13.23
N LEU B 127 2.52 3.36 -13.41
CA LEU B 127 3.13 2.14 -13.96
C LEU B 127 3.66 1.23 -12.88
N ASP B 128 3.22 -0.02 -12.93
CA ASP B 128 3.70 -1.05 -12.02
C ASP B 128 4.94 -1.66 -12.66
N HIS B 129 5.44 -2.76 -12.09
CA HIS B 129 6.58 -3.42 -12.67
C HIS B 129 6.22 -4.22 -13.90
N SER B 130 7.11 -4.18 -14.88
CA SER B 130 7.00 -4.95 -16.10
C SER B 130 7.72 -6.28 -15.91
N LYS B 131 7.32 -7.27 -16.71
CA LYS B 131 7.97 -8.59 -16.73
C LYS B 131 9.17 -8.60 -17.68
N ASP B 132 9.14 -7.71 -18.68
CA ASP B 132 10.19 -7.58 -19.68
C ASP B 132 11.52 -7.22 -19.01
N PRO B 133 12.54 -8.10 -19.14
CA PRO B 133 13.80 -7.91 -18.41
C PRO B 133 14.62 -6.73 -18.91
N GLY B 134 14.26 -6.20 -20.08
CA GLY B 134 14.93 -5.02 -20.62
C GLY B 134 14.21 -3.71 -20.39
N ALA B 135 13.04 -3.77 -19.74
CA ALA B 135 12.24 -2.58 -19.49
C ALA B 135 12.82 -1.71 -18.38
N LEU B 136 12.62 -0.41 -18.48
CA LEU B 136 12.95 0.51 -17.39
C LEU B 136 12.20 0.10 -16.12
N MET B 137 10.97 -0.38 -16.29
CA MET B 137 10.09 -0.70 -15.16
C MET B 137 10.23 -2.13 -14.65
N PHE B 138 11.30 -2.81 -15.06
CA PHE B 138 11.62 -4.15 -14.53
C PHE B 138 11.98 -4.00 -13.05
N PRO B 139 11.64 -5.00 -12.19
CA PRO B 139 11.92 -4.82 -10.75
C PRO B 139 13.38 -4.90 -10.28
N ILE B 140 14.32 -5.30 -11.14
CA ILE B 140 15.74 -5.40 -10.72
C ILE B 140 16.62 -4.37 -11.44
N TYR B 141 17.36 -3.59 -10.66
CA TYR B 141 18.35 -2.63 -11.16
C TYR B 141 19.55 -3.30 -11.86
N THR B 142 19.80 -2.94 -13.11
CA THR B 142 21.05 -3.26 -13.78
C THR B 142 21.57 -2.00 -14.46
N TYR B 143 22.88 -1.80 -14.44
CA TYR B 143 23.48 -0.71 -15.19
C TYR B 143 24.07 -1.24 -16.51
N THR B 144 23.40 -0.87 -17.62
CA THR B 144 23.74 -1.38 -18.96
C THR B 144 24.99 -0.73 -19.60
N GLY B 145 25.38 0.44 -19.11
CA GLY B 145 26.63 1.07 -19.53
C GLY B 145 26.55 2.00 -20.74
N LYS B 146 25.38 2.02 -21.37
CA LYS B 146 25.09 2.86 -22.55
C LYS B 146 25.31 4.34 -22.23
N SER B 147 25.79 5.10 -23.21
CA SER B 147 25.99 6.54 -23.04
C SER B 147 24.64 7.25 -23.05
N HIS B 148 23.69 6.69 -23.81
CA HIS B 148 22.40 7.33 -24.03
C HIS B 148 21.22 6.51 -23.55
N PHE B 149 20.35 7.15 -22.79
CA PHE B 149 19.12 6.50 -22.38
C PHE B 149 18.11 6.50 -23.51
N MET B 150 17.55 5.32 -23.78
CA MET B 150 16.43 5.18 -24.68
C MET B 150 15.36 4.40 -23.92
N LEU B 151 14.14 4.93 -23.91
CA LEU B 151 13.05 4.27 -23.22
C LEU B 151 12.58 3.03 -24.01
N PRO B 152 12.68 1.83 -23.40
CA PRO B 152 12.28 0.61 -24.10
C PRO B 152 10.81 0.62 -24.48
N ASP B 153 10.48 -0.04 -25.58
CA ASP B 153 9.15 0.01 -26.16
C ASP B 153 8.05 -0.42 -25.19
N ASP B 154 8.39 -1.32 -24.27
CA ASP B 154 7.46 -1.78 -23.24
C ASP B 154 6.99 -0.65 -22.30
N ASP B 155 7.94 0.19 -21.89
CA ASP B 155 7.63 1.31 -21.02
C ASP B 155 6.87 2.38 -21.81
N VAL B 156 7.24 2.56 -23.08
CA VAL B 156 6.56 3.48 -23.99
C VAL B 156 5.09 3.07 -24.10
N GLN B 157 4.84 1.81 -24.45
CA GLN B 157 3.47 1.32 -24.59
C GLN B 157 2.71 1.44 -23.27
N GLY B 158 3.41 1.14 -22.17
CA GLY B 158 2.83 1.23 -20.81
C GLY B 158 2.30 2.60 -20.44
N ILE B 159 3.14 3.62 -20.58
CA ILE B 159 2.76 4.96 -20.16
C ILE B 159 1.75 5.55 -21.13
N GLN B 160 1.88 5.22 -22.42
CA GLN B 160 0.95 5.69 -23.43
C GLN B 160 -0.41 5.04 -23.28
N SER B 161 -0.45 3.84 -22.69
CA SER B 161 -1.71 3.17 -22.37
C SER B 161 -2.51 3.99 -21.35
N LEU B 162 -1.79 4.78 -20.57
CA LEU B 162 -2.40 5.63 -19.56
C LEU B 162 -2.73 7.02 -20.09
N TYR B 163 -1.77 7.64 -20.79
CA TYR B 163 -1.83 9.07 -21.11
C TYR B 163 -1.84 9.42 -22.59
N GLY B 164 -1.76 8.40 -23.45
CA GLY B 164 -1.62 8.62 -24.89
C GLY B 164 -0.23 9.18 -25.21
N PRO B 165 0.11 9.25 -26.51
CA PRO B 165 1.41 9.77 -26.92
C PRO B 165 1.46 11.30 -26.92
N GLY B 166 2.65 11.87 -27.11
CA GLY B 166 2.82 13.32 -27.18
C GLY B 166 2.36 13.92 -28.49
ZN ZN C . -14.16 0.22 9.76
ZN ZN D . -2.33 0.85 14.43
CA CA E . -10.18 3.07 22.28
CA CA F . 1.03 -6.49 5.99
NA NA G . -8.35 -5.17 27.00
C FMT H . -12.65 0.86 11.72
O1 FMT H . -12.41 -0.26 11.34
O2 FMT H . -13.48 1.57 11.18
C32 WHH I . -17.60 -4.28 13.70
C12 WHH I . -20.98 -12.49 17.12
C14 WHH I . -22.24 -14.29 16.15
C33 WHH I . -18.81 -4.10 13.06
C11 WHH I . -21.90 -11.59 16.64
C15 WHH I . -23.17 -13.38 15.68
C3 WHH I . -23.42 -8.00 10.28
C31 WHH I . -16.76 -3.21 13.90
C2 WHH I . -23.98 -9.27 10.20
C29 WHH I . -18.34 -1.79 12.84
C5 WHH I . -23.89 -7.89 12.61
C13 WHH I . -21.16 -13.83 16.87
C10 WHH I . -23.00 -12.03 15.92
C28 WHH I . -19.19 -2.85 12.62
C4 WHH I . -23.37 -7.30 11.47
C30 WHH I . -17.14 -1.96 13.46
C6 WHH I . -24.45 -9.16 12.55
C1 WHH I . -24.50 -9.84 11.34
C19 WHH I . -23.83 -7.15 13.90
C22 WHH I . -22.76 -5.44 12.63
C16 WHH I . -20.17 -14.76 17.41
C24 WHH I . -22.13 -4.11 12.78
C35 WHH I . -15.17 -1.06 14.34
C9 WHH I . -23.99 -11.01 15.44
C27 WHH I . -20.50 -2.59 11.92
C8 WHH I . -23.98 -10.77 13.96
N23 WHH I . -22.78 -6.04 11.48
N21 WHH I . -23.26 -5.92 13.81
N26 WHH I . -21.36 -3.71 11.73
O20 WHH I . -24.27 -7.63 14.93
O17 WHH I . -19.47 -14.54 18.39
O25 WHH I . -22.20 -3.56 13.86
O18 WHH I . -20.18 -15.89 16.68
O34 WHH I . -16.35 -0.82 13.60
O7 WHH I . -24.99 -9.80 13.65
F36 WHH I . -25.06 -11.06 11.30
ZN ZN J . 9.79 -0.25 -9.00
ZN ZN K . 9.35 6.69 1.95
CA CA L . 18.93 0.52 0.95
CA CA M . 2.10 14.02 -3.94
NA NA N . 24.34 8.40 0.18
C FMT O . 11.40 -0.64 -6.90
O1 FMT O . 10.72 0.39 -6.80
O2 FMT O . 11.35 -1.38 -7.90
C32 WHH P . 15.96 1.51 -12.05
C12 WHH P . 22.53 6.36 -17.07
C14 WHH P . 22.37 7.34 -19.25
C33 WHH P . 15.74 0.63 -13.10
C11 WHH P . 22.29 5.11 -17.62
C15 WHH P . 22.13 6.10 -19.78
C3 WHH P . 16.26 0.81 -19.59
C31 WHH P . 15.69 1.12 -10.75
C2 WHH P . 16.70 1.53 -20.69
C29 WHH P . 14.96 -1.01 -11.56
C5 WHH P . 18.47 0.79 -18.69
C13 WHH P . 22.57 7.46 -17.89
C10 WHH P . 22.09 4.98 -18.98
C28 WHH P . 15.24 -0.63 -12.86
C4 WHH P . 17.13 0.44 -18.60
C30 WHH P . 15.18 -0.14 -10.51
C6 WHH P . 18.92 1.51 -19.79
C1 WHH P . 18.03 1.87 -20.77
C19 WHH P . 19.40 0.38 -17.62
C22 WHH P . 17.47 -0.61 -16.60
C16 WHH P . 22.85 8.77 -17.28
C24 WHH P . 17.01 -1.37 -15.39
C35 WHH P . 14.78 0.51 -8.33
C9 WHH P . 21.83 3.63 -19.56
C27 WHH P . 14.99 -1.60 -13.98
C8 WHH P . 20.38 3.23 -19.47
N23 WHH P . 16.61 -0.27 -17.51
N21 WHH P . 18.80 -0.31 -16.61
N26 WHH P . 15.64 -1.34 -15.25
O20 WHH P . 20.59 0.66 -17.65
O17 WHH P . 23.35 8.92 -16.18
O25 WHH P . 17.85 -1.86 -14.66
O18 WHH P . 22.47 9.76 -18.13
O34 WHH P . 14.89 -0.59 -9.22
O7 WHH P . 20.24 1.89 -19.93
F36 WHH P . 18.46 2.57 -21.83
#